data_3ELD
#
_entry.id   3ELD
#
_cell.length_a   47.670
_cell.length_b   66.132
_cell.length_c   88.495
_cell.angle_alpha   90.00
_cell.angle_beta   90.00
_cell.angle_gamma   90.00
#
_symmetry.space_group_name_H-M   'P 21 21 21'
#
loop_
_entity.id
_entity.type
_entity.pdbx_description
1 polymer Methyltransferase
2 non-polymer SINEFUNGIN
3 non-polymer 'SULFATE ION'
4 water water
#
_entity_poly.entity_id   1
_entity_poly.type   'polypeptide(L)'
_entity_poly.pdbx_seq_one_letter_code
;MKHHHHHHGKAAGVTLGEVWKRQLNMLGKQEFERYKVSDITEVDRTAARRYLKEGRTDVGISVSRGAAKIRWLHERGYLR
ITGRVLDLGCGRGGWSYYAAAQKEVMSVKGYTLGIEGHEKPIHMQTLGWNIVKFKDKSNVFTMPTEPSDTLLCDIGESSS
NPLVERDRTMKVLENFERWKHVNTENFCVKVLAPYHPDVIEKLERLQLRFGGGIVRVPFSRNSTHEMYYISGARNNITHM
VNTTSRSLLRRMTRPSGKAIIEGDVFLPTGTRSVASEAGTIDHEALKLRVDQIKAEYSKT
;
_entity_poly.pdbx_strand_id   A
#
loop_
_chem_comp.id
_chem_comp.type
_chem_comp.name
_chem_comp.formula
SFG non-polymer SINEFUNGIN 'C15 H23 N7 O5'
SO4 non-polymer 'SULFATE ION' 'O4 S -2'
#
# COMPACT_ATOMS: atom_id res chain seq x y z
N VAL A 14 23.01 2.02 -15.11
CA VAL A 14 23.19 3.48 -15.33
C VAL A 14 22.70 4.29 -14.12
N THR A 15 21.48 4.02 -13.66
CA THR A 15 20.97 4.71 -12.46
C THR A 15 21.47 4.02 -11.18
N LEU A 16 21.54 4.80 -10.10
CA LEU A 16 21.93 4.25 -8.80
C LEU A 16 20.95 3.17 -8.33
N GLY A 17 19.69 3.29 -8.72
CA GLY A 17 18.67 2.27 -8.45
C GLY A 17 19.02 0.96 -9.14
N GLU A 18 19.48 1.05 -10.40
CA GLU A 18 19.85 -0.16 -11.16
C GLU A 18 21.09 -0.84 -10.58
N VAL A 19 22.01 -0.04 -10.06
CA VAL A 19 23.17 -0.57 -9.36
C VAL A 19 22.73 -1.29 -8.10
N TRP A 20 21.83 -0.65 -7.35
CA TRP A 20 21.26 -1.26 -6.15
C TRP A 20 20.64 -2.63 -6.42
N LYS A 21 19.84 -2.72 -7.48
CA LYS A 21 19.18 -3.98 -7.81
C LYS A 21 20.15 -5.10 -8.25
N ARG A 22 21.14 -4.76 -9.07
CA ARG A 22 22.14 -5.77 -9.48
C ARG A 22 22.89 -6.32 -8.26
N GLN A 23 23.29 -5.40 -7.36
CA GLN A 23 24.01 -5.77 -6.15
C GLN A 23 23.16 -6.63 -5.20
N LEU A 24 21.88 -6.28 -5.09
CA LEU A 24 20.95 -6.99 -4.23
C LEU A 24 20.90 -8.48 -4.58
N ASN A 25 20.92 -8.77 -5.88
CA ASN A 25 20.74 -10.13 -6.34
C ASN A 25 22.04 -10.94 -6.40
N MET A 26 23.13 -10.29 -6.00
CA MET A 26 24.45 -10.91 -5.84
C MET A 26 24.76 -11.26 -4.39
N LEU A 27 23.94 -10.76 -3.45
CA LEU A 27 24.18 -10.99 -2.03
C LEU A 27 23.88 -12.45 -1.67
N GLY A 28 24.71 -13.02 -0.80
CA GLY A 28 24.45 -14.34 -0.24
C GLY A 28 23.18 -14.42 0.58
N LYS A 29 22.79 -15.64 0.91
CA LYS A 29 21.61 -15.92 1.73
C LYS A 29 21.63 -15.11 3.03
N GLN A 30 22.66 -15.32 3.84
CA GLN A 30 22.82 -14.62 5.11
C GLN A 30 22.95 -13.10 4.95
N GLU A 31 23.71 -12.68 3.94
CA GLU A 31 23.91 -11.26 3.62
C GLU A 31 22.62 -10.55 3.22
N PHE A 32 21.83 -11.21 2.37
CA PHE A 32 20.55 -10.69 1.92
C PHE A 32 19.59 -10.51 3.09
N GLU A 33 19.49 -11.53 3.94
CA GLU A 33 18.62 -11.48 5.11
C GLU A 33 19.03 -10.38 6.09
N ARG A 34 20.33 -10.24 6.33
CA ARG A 34 20.85 -9.17 7.18
C ARG A 34 20.55 -7.79 6.59
N TYR A 35 20.76 -7.67 5.27
CA TYR A 35 20.55 -6.41 4.57
C TYR A 35 19.09 -5.98 4.56
N LYS A 36 18.22 -6.93 4.24
CA LYS A 36 16.78 -6.70 4.08
C LYS A 36 16.15 -5.90 5.23
N VAL A 37 16.56 -6.18 6.46
CA VAL A 37 15.98 -5.57 7.64
C VAL A 37 16.82 -4.43 8.25
N SER A 38 18.00 -4.16 7.69
CA SER A 38 18.91 -3.15 8.25
C SER A 38 18.32 -1.75 8.34
N ASP A 39 18.16 -1.30 9.58
CA ASP A 39 17.70 0.05 9.92
C ASP A 39 16.27 0.36 9.47
N ILE A 40 15.52 -0.66 9.04
CA ILE A 40 14.11 -0.44 8.66
C ILE A 40 13.24 -0.42 9.91
N THR A 41 11.98 0.00 9.76
CA THR A 41 11.01 -0.13 10.83
C THR A 41 10.13 -1.33 10.51
N GLU A 42 9.72 -2.04 11.56
CA GLU A 42 9.01 -3.30 11.42
C GLU A 42 7.97 -3.42 12.51
N VAL A 43 6.76 -3.88 12.15
CA VAL A 43 5.75 -4.20 13.15
C VAL A 43 5.89 -5.66 13.55
N ASP A 44 5.65 -5.95 14.83
CA ASP A 44 5.61 -7.31 15.31
C ASP A 44 4.26 -7.91 14.98
N ARG A 45 4.27 -8.89 14.10
CA ARG A 45 3.04 -9.50 13.57
C ARG A 45 2.61 -10.76 14.32
N THR A 46 3.34 -11.10 15.38
CA THR A 46 3.14 -12.37 16.09
C THR A 46 1.69 -12.62 16.52
N ALA A 47 1.10 -11.64 17.21
CA ALA A 47 -0.26 -11.74 17.71
C ALA A 47 -1.24 -11.90 16.57
N ALA A 48 -1.20 -10.96 15.62
CA ALA A 48 -2.11 -10.98 14.47
C ALA A 48 -2.07 -12.31 13.72
N ARG A 49 -0.87 -12.81 13.47
CA ARG A 49 -0.71 -14.07 12.74
C ARG A 49 -1.33 -15.26 13.47
N ARG A 50 -1.25 -15.24 14.80
CA ARG A 50 -1.85 -16.25 15.66
C ARG A 50 -3.38 -16.24 15.55
N TYR A 51 -3.96 -15.05 15.66
CA TYR A 51 -5.41 -14.92 15.58
C TYR A 51 -5.94 -15.26 14.20
N LEU A 52 -5.13 -14.99 13.17
CA LEU A 52 -5.52 -15.32 11.79
C LEU A 52 -5.50 -16.82 11.50
N LYS A 53 -4.49 -17.55 12.00
CA LYS A 53 -4.49 -19.01 11.84
C LYS A 53 -5.59 -19.66 12.68
N GLU A 54 -5.76 -19.17 13.90
CA GLU A 54 -6.84 -19.58 14.79
C GLU A 54 -8.22 -19.27 14.17
N GLY A 55 -8.26 -18.25 13.31
CA GLY A 55 -9.48 -17.88 12.60
C GLY A 55 -10.42 -16.98 13.38
N ARG A 56 -9.90 -16.30 14.40
CA ARG A 56 -10.72 -15.35 15.17
C ARG A 56 -11.16 -14.16 14.34
N THR A 57 -12.41 -13.73 14.55
CA THR A 57 -12.91 -12.50 13.94
C THR A 57 -13.34 -11.46 14.97
N ASP A 58 -13.05 -11.76 16.23
CA ASP A 58 -13.44 -10.94 17.33
C ASP A 58 -12.35 -10.05 17.89
N VAL A 59 -11.15 -10.18 17.39
CA VAL A 59 -10.03 -9.37 17.76
C VAL A 59 -9.64 -8.32 16.68
N GLY A 60 -9.46 -7.08 17.09
CA GLY A 60 -9.18 -6.00 16.18
C GLY A 60 -7.76 -6.01 15.63
N ILE A 61 -7.44 -7.00 14.83
CA ILE A 61 -6.11 -7.08 14.23
C ILE A 61 -6.15 -6.63 12.76
N SER A 62 -4.97 -6.30 12.23
CA SER A 62 -4.84 -5.94 10.82
C SER A 62 -4.54 -7.21 10.03
N VAL A 63 -5.21 -7.40 8.89
CA VAL A 63 -5.09 -8.66 8.13
C VAL A 63 -3.75 -8.85 7.39
N SER A 64 -2.93 -7.79 7.35
CA SER A 64 -1.62 -7.82 6.68
C SER A 64 -0.64 -6.80 7.26
N ARG A 65 0.63 -7.05 7.01
CA ARG A 65 1.73 -6.17 7.39
C ARG A 65 1.63 -4.82 6.65
N GLY A 66 0.91 -4.80 5.53
CA GLY A 66 0.74 -3.60 4.70
C GLY A 66 0.02 -2.45 5.38
N ALA A 67 -0.84 -2.76 6.35
CA ALA A 67 -1.54 -1.71 7.11
C ALA A 67 -0.55 -0.74 7.78
N ALA A 68 0.60 -1.24 8.21
CA ALA A 68 1.64 -0.37 8.82
C ALA A 68 2.12 0.73 7.87
N LYS A 69 2.15 0.46 6.57
CA LYS A 69 2.60 1.46 5.61
C LYS A 69 1.60 2.60 5.48
N ILE A 70 0.31 2.25 5.34
CA ILE A 70 -0.72 3.29 5.21
C ILE A 70 -0.91 4.09 6.50
N ARG A 71 -0.81 3.42 7.65
CA ARG A 71 -0.84 4.10 8.95
C ARG A 71 0.28 5.16 9.05
N TRP A 72 1.49 4.80 8.63
CA TRP A 72 2.61 5.73 8.66
C TRP A 72 2.31 6.93 7.75
N LEU A 73 1.93 6.67 6.51
CA LEU A 73 1.61 7.75 5.57
C LEU A 73 0.54 8.69 6.12
N HIS A 74 -0.54 8.11 6.64
CA HIS A 74 -1.67 8.83 7.22
C HIS A 74 -1.27 9.61 8.48
N GLU A 75 -0.61 8.94 9.42
CA GLU A 75 -0.23 9.60 10.67
C GLU A 75 0.79 10.72 10.49
N ARG A 76 1.69 10.54 9.51
CA ARG A 76 2.71 11.55 9.19
C ARG A 76 2.14 12.79 8.48
N GLY A 77 0.96 12.63 7.89
CA GLY A 77 0.31 13.70 7.14
C GLY A 77 0.61 13.75 5.65
N TYR A 78 1.10 12.64 5.10
CA TYR A 78 1.37 12.52 3.65
C TYR A 78 0.09 12.26 2.88
N LEU A 79 -0.93 11.81 3.59
CA LEU A 79 -2.20 11.44 2.98
C LEU A 79 -3.33 11.74 3.95
N ARG A 80 -4.34 12.50 3.48
CA ARG A 80 -5.61 12.58 4.18
C ARG A 80 -6.47 11.42 3.67
N ILE A 81 -7.12 10.72 4.59
CA ILE A 81 -8.01 9.61 4.24
C ILE A 81 -9.44 10.00 4.62
N THR A 82 -10.28 10.22 3.62
CA THR A 82 -11.60 10.81 3.85
C THR A 82 -12.66 10.39 2.82
N GLY A 83 -13.94 10.54 3.20
CA GLY A 83 -15.06 10.35 2.28
C GLY A 83 -15.18 8.97 1.68
N ARG A 84 -15.31 8.92 0.36
CA ARG A 84 -15.40 7.68 -0.38
C ARG A 84 -14.00 7.21 -0.77
N VAL A 85 -13.57 6.12 -0.20
CA VAL A 85 -12.24 5.59 -0.38
C VAL A 85 -12.26 4.39 -1.36
N LEU A 86 -11.38 4.42 -2.34
CA LEU A 86 -11.20 3.34 -3.26
C LEU A 86 -9.79 2.70 -3.10
N ASP A 87 -9.77 1.38 -2.92
CA ASP A 87 -8.59 0.58 -2.72
C ASP A 87 -8.39 -0.40 -3.87
N LEU A 88 -7.52 -0.04 -4.80
CA LEU A 88 -7.28 -0.83 -6.00
C LEU A 88 -6.14 -1.79 -5.75
N GLY A 89 -6.41 -3.09 -5.88
CA GLY A 89 -5.45 -4.12 -5.48
C GLY A 89 -5.44 -4.29 -3.97
N CYS A 90 -6.62 -4.50 -3.38
CA CYS A 90 -6.75 -4.55 -1.91
C CYS A 90 -6.22 -5.83 -1.23
N GLY A 91 -6.05 -6.88 -2.03
CA GLY A 91 -5.61 -8.18 -1.51
C GLY A 91 -6.47 -8.63 -0.35
N ARG A 92 -5.81 -8.96 0.76
CA ARG A 92 -6.47 -9.38 2.01
C ARG A 92 -7.35 -8.28 2.60
N GLY A 93 -6.96 -7.03 2.37
CA GLY A 93 -7.75 -5.87 2.79
C GLY A 93 -7.12 -4.99 3.86
N GLY A 94 -5.81 -5.13 4.06
CA GLY A 94 -5.09 -4.37 5.09
C GLY A 94 -5.26 -2.85 5.03
N TRP A 95 -5.18 -2.28 3.84
CA TRP A 95 -5.42 -0.84 3.65
C TRP A 95 -6.90 -0.48 3.75
N SER A 96 -7.77 -1.36 3.25
CA SER A 96 -9.22 -1.15 3.30
C SER A 96 -9.74 -1.05 4.72
N TYR A 97 -9.39 -2.02 5.55
CA TYR A 97 -9.82 -2.02 6.95
C TYR A 97 -9.23 -0.88 7.76
N TYR A 98 -7.98 -0.51 7.48
CA TYR A 98 -7.40 0.69 8.12
C TYR A 98 -8.20 1.93 7.79
N ALA A 99 -8.46 2.14 6.50
CA ALA A 99 -9.25 3.28 6.02
C ALA A 99 -10.64 3.32 6.66
N ALA A 100 -11.31 2.17 6.72
CA ALA A 100 -12.67 2.06 7.25
C ALA A 100 -12.76 2.50 8.71
N ALA A 101 -11.65 2.36 9.43
CA ALA A 101 -11.59 2.68 10.85
C ALA A 101 -11.41 4.18 11.12
N GLN A 102 -11.22 4.95 10.06
CA GLN A 102 -10.83 6.38 10.17
C GLN A 102 -12.03 7.32 10.25
N LYS A 103 -11.91 8.34 11.11
CA LYS A 103 -13.03 9.22 11.47
C LYS A 103 -13.80 9.84 10.31
N GLU A 104 -13.09 10.27 9.28
CA GLU A 104 -13.71 11.08 8.22
C GLU A 104 -14.11 10.24 7.01
N VAL A 105 -13.93 8.92 7.12
CA VAL A 105 -14.23 7.99 6.02
C VAL A 105 -15.70 7.54 6.06
N MET A 106 -16.38 7.63 4.92
CA MET A 106 -17.80 7.26 4.86
C MET A 106 -18.04 5.89 4.24
N SER A 107 -17.20 5.52 3.27
CA SER A 107 -17.33 4.23 2.61
C SER A 107 -15.99 3.78 2.07
N VAL A 108 -15.80 2.47 2.02
CA VAL A 108 -14.58 1.89 1.44
C VAL A 108 -14.95 0.82 0.42
N LYS A 109 -14.43 0.94 -0.80
CA LYS A 109 -14.58 -0.12 -1.78
C LYS A 109 -13.22 -0.66 -2.19
N GLY A 110 -13.01 -1.95 -1.94
CA GLY A 110 -11.76 -2.63 -2.30
C GLY A 110 -11.96 -3.56 -3.49
N TYR A 111 -11.06 -3.47 -4.46
CA TYR A 111 -11.08 -4.35 -5.63
C TYR A 111 -9.78 -5.13 -5.74
N THR A 112 -9.88 -6.43 -6.04
CA THR A 112 -8.66 -7.25 -6.18
C THR A 112 -8.88 -8.46 -7.11
N LEU A 113 -7.78 -9.02 -7.59
CA LEU A 113 -7.86 -10.22 -8.46
C LEU A 113 -8.38 -11.43 -7.70
N GLY A 114 -7.65 -11.84 -6.66
CA GLY A 114 -8.09 -12.96 -5.84
C GLY A 114 -8.17 -14.26 -6.64
N ILE A 115 -7.48 -14.31 -7.76
CA ILE A 115 -7.27 -15.53 -8.53
C ILE A 115 -6.02 -16.27 -8.17
N GLU A 116 -5.79 -17.39 -8.81
CA GLU A 116 -4.73 -18.29 -8.42
C GLU A 116 -3.41 -17.67 -8.09
N GLY A 117 -2.95 -17.86 -6.88
CA GLY A 117 -1.73 -17.21 -6.43
C GLY A 117 -1.81 -15.75 -6.02
N HIS A 118 -3.02 -15.22 -5.98
CA HIS A 118 -3.28 -13.86 -5.48
C HIS A 118 -4.18 -13.93 -4.26
N GLU A 119 -3.95 -13.04 -3.29
CA GLU A 119 -4.70 -13.02 -2.04
C GLU A 119 -6.15 -12.56 -2.25
N LYS A 120 -7.06 -13.21 -1.54
CA LYS A 120 -8.46 -12.83 -1.52
C LYS A 120 -8.71 -12.03 -0.25
N PRO A 121 -9.74 -11.15 -0.26
CA PRO A 121 -10.10 -10.38 0.94
C PRO A 121 -10.48 -11.27 2.15
N ILE A 122 -9.97 -10.91 3.32
CA ILE A 122 -10.23 -11.63 4.55
C ILE A 122 -11.35 -10.91 5.31
N HIS A 123 -12.30 -11.67 5.86
CA HIS A 123 -13.34 -11.09 6.70
C HIS A 123 -12.80 -10.77 8.09
N MET A 124 -13.01 -9.53 8.53
CA MET A 124 -12.61 -9.08 9.85
C MET A 124 -13.65 -8.08 10.31
N GLN A 125 -13.66 -7.79 11.61
CA GLN A 125 -14.68 -6.91 12.17
C GLN A 125 -14.08 -5.70 12.91
N THR A 126 -12.92 -5.26 12.44
CA THR A 126 -12.33 -4.03 12.93
C THR A 126 -13.28 -2.86 12.62
N LEU A 127 -13.13 -1.76 13.34
CA LEU A 127 -14.09 -0.66 13.30
C LEU A 127 -14.43 -0.24 11.87
N GLY A 128 -15.72 -0.08 11.60
CA GLY A 128 -16.21 0.30 10.27
C GLY A 128 -16.23 -0.80 9.24
N TRP A 129 -16.13 -2.06 9.69
CA TRP A 129 -16.22 -3.21 8.77
C TRP A 129 -17.52 -3.23 7.99
N ASN A 130 -18.54 -2.58 8.55
CA ASN A 130 -19.84 -2.45 7.89
C ASN A 130 -19.84 -1.50 6.68
N ILE A 131 -18.87 -0.59 6.61
CA ILE A 131 -18.79 0.35 5.47
C ILE A 131 -17.77 -0.05 4.39
N VAL A 132 -17.20 -1.24 4.55
CA VAL A 132 -16.28 -1.83 3.59
C VAL A 132 -17.01 -2.83 2.71
N LYS A 133 -16.84 -2.69 1.40
CA LYS A 133 -17.29 -3.70 0.44
C LYS A 133 -16.10 -4.16 -0.40
N PHE A 134 -15.93 -5.47 -0.51
CA PHE A 134 -14.87 -6.05 -1.32
C PHE A 134 -15.47 -6.70 -2.55
N LYS A 135 -14.73 -6.63 -3.66
CA LYS A 135 -15.08 -7.43 -4.82
C LYS A 135 -13.80 -8.04 -5.39
N ASP A 136 -13.72 -9.37 -5.33
CA ASP A 136 -12.61 -10.07 -5.97
C ASP A 136 -12.97 -10.34 -7.43
N LYS A 137 -12.13 -11.14 -8.12
CA LYS A 137 -12.19 -11.35 -9.58
C LYS A 137 -12.26 -10.05 -10.37
N SER A 138 -11.59 -9.02 -9.85
CA SER A 138 -11.70 -7.69 -10.43
C SER A 138 -10.34 -7.20 -10.89
N ASN A 139 -10.19 -6.99 -12.19
CA ASN A 139 -8.96 -6.45 -12.72
C ASN A 139 -9.05 -4.92 -12.78
N VAL A 140 -8.35 -4.23 -11.90
CA VAL A 140 -8.47 -2.77 -11.80
C VAL A 140 -7.95 -2.01 -13.03
N PHE A 141 -7.15 -2.69 -13.86
CA PHE A 141 -6.61 -2.10 -15.09
C PHE A 141 -7.66 -2.04 -16.21
N THR A 142 -8.67 -2.92 -16.15
CA THR A 142 -9.67 -2.99 -17.22
C THR A 142 -11.14 -2.72 -16.79
N MET A 143 -11.42 -2.85 -15.49
CA MET A 143 -12.79 -2.66 -15.02
C MET A 143 -13.25 -1.20 -15.13
N PRO A 144 -14.58 -0.97 -15.11
CA PRO A 144 -15.08 0.42 -15.09
C PRO A 144 -14.58 1.18 -13.85
N THR A 145 -14.26 2.46 -14.01
CA THR A 145 -13.88 3.32 -12.88
C THR A 145 -15.10 3.84 -12.12
N GLU A 146 -14.86 4.48 -10.97
CA GLU A 146 -15.91 5.14 -10.20
C GLU A 146 -15.26 6.22 -9.36
N PRO A 147 -16.05 7.25 -8.97
CA PRO A 147 -15.44 8.35 -8.21
C PRO A 147 -14.95 7.95 -6.83
N SER A 148 -13.96 8.69 -6.34
CA SER A 148 -13.42 8.53 -5.00
C SER A 148 -12.90 9.87 -4.53
N ASP A 149 -12.98 10.11 -3.22
CA ASP A 149 -12.34 11.26 -2.62
C ASP A 149 -10.90 10.91 -2.25
N THR A 150 -10.68 9.64 -1.93
CA THR A 150 -9.37 9.12 -1.60
C THR A 150 -9.15 7.85 -2.42
N LEU A 151 -8.12 7.88 -3.27
CA LEU A 151 -7.82 6.75 -4.13
C LEU A 151 -6.50 6.11 -3.73
N LEU A 152 -6.58 4.83 -3.33
CA LEU A 152 -5.41 4.08 -2.87
C LEU A 152 -5.10 2.95 -3.85
N CYS A 153 -3.82 2.72 -4.13
CA CYS A 153 -3.40 1.60 -4.96
C CYS A 153 -2.02 1.10 -4.51
N ASP A 154 -1.98 -0.14 -4.06
CA ASP A 154 -0.74 -0.72 -3.57
C ASP A 154 -0.27 -1.84 -4.50
N ILE A 155 -0.47 -1.65 -5.81
CA ILE A 155 -0.11 -2.65 -6.82
C ILE A 155 1.32 -2.43 -7.31
N GLY A 156 2.05 -3.53 -7.46
CA GLY A 156 3.41 -3.46 -7.98
C GLY A 156 4.13 -4.71 -7.55
N GLU A 157 4.14 -5.71 -8.42
CA GLU A 157 4.74 -7.01 -8.15
C GLU A 157 6.19 -7.03 -8.62
N SER A 158 7.10 -7.35 -7.69
CA SER A 158 8.53 -7.43 -7.96
C SER A 158 8.88 -8.52 -8.96
N SER A 159 10.04 -8.33 -9.61
CA SER A 159 10.58 -9.25 -10.61
C SER A 159 12.10 -9.12 -10.65
N SER A 160 12.79 -10.22 -10.93
CA SER A 160 14.24 -10.18 -11.13
C SER A 160 14.64 -9.38 -12.37
N ASN A 161 13.70 -9.20 -13.30
CA ASN A 161 13.94 -8.42 -14.51
C ASN A 161 13.51 -6.97 -14.25
N PRO A 162 14.48 -6.03 -14.20
CA PRO A 162 14.14 -4.63 -13.90
C PRO A 162 13.23 -3.98 -14.96
N LEU A 163 13.30 -4.43 -16.20
CA LEU A 163 12.45 -3.91 -17.26
C LEU A 163 10.99 -4.34 -17.06
N VAL A 164 10.80 -5.54 -16.52
CA VAL A 164 9.45 -6.00 -16.16
C VAL A 164 8.90 -5.11 -15.03
N GLU A 165 9.73 -4.81 -14.04
CA GLU A 165 9.34 -3.87 -12.98
C GLU A 165 9.06 -2.45 -13.49
N ARG A 166 9.86 -1.97 -14.44
CA ARG A 166 9.61 -0.69 -15.08
C ARG A 166 8.20 -0.65 -15.68
N ASP A 167 7.91 -1.64 -16.53
CA ASP A 167 6.63 -1.70 -17.22
C ASP A 167 5.43 -1.86 -16.28
N ARG A 168 5.60 -2.67 -15.23
CA ARG A 168 4.57 -2.82 -14.19
C ARG A 168 4.25 -1.49 -13.45
N THR A 169 5.31 -0.77 -13.09
CA THR A 169 5.17 0.54 -12.44
C THR A 169 4.44 1.50 -13.37
N MET A 170 4.85 1.53 -14.64
CA MET A 170 4.19 2.37 -15.65
C MET A 170 2.69 2.08 -15.74
N LYS A 171 2.32 0.79 -15.75
CA LYS A 171 0.93 0.39 -15.84
C LYS A 171 0.12 0.89 -14.64
N VAL A 172 0.71 0.78 -13.46
CA VAL A 172 0.06 1.25 -12.22
C VAL A 172 -0.21 2.77 -12.27
N LEU A 173 0.78 3.53 -12.72
CA LEU A 173 0.67 4.99 -12.83
C LEU A 173 -0.33 5.43 -13.92
N GLU A 174 -0.34 4.73 -15.05
CA GLU A 174 -1.31 4.97 -16.11
C GLU A 174 -2.73 4.68 -15.64
N ASN A 175 -2.92 3.55 -14.94
CA ASN A 175 -4.23 3.21 -14.44
C ASN A 175 -4.74 4.14 -13.33
N PHE A 176 -3.80 4.63 -12.50
CA PHE A 176 -4.10 5.71 -11.53
C PHE A 176 -4.76 6.90 -12.23
N GLU A 177 -4.15 7.35 -13.33
CA GLU A 177 -4.66 8.50 -14.05
C GLU A 177 -6.04 8.22 -14.67
N ARG A 178 -6.27 6.96 -15.04
CA ARG A 178 -7.56 6.51 -15.56
C ARG A 178 -8.67 6.54 -14.50
N TRP A 179 -8.32 6.17 -13.27
CA TRP A 179 -9.28 6.12 -12.16
C TRP A 179 -9.53 7.47 -11.49
N LYS A 180 -8.53 8.36 -11.57
CA LYS A 180 -8.57 9.62 -10.82
C LYS A 180 -9.69 10.52 -11.36
N HIS A 181 -10.60 10.91 -10.46
CA HIS A 181 -11.70 11.81 -10.80
C HIS A 181 -11.37 13.23 -10.36
N VAL A 182 -12.19 14.19 -10.78
CA VAL A 182 -11.98 15.59 -10.37
C VAL A 182 -11.95 15.76 -8.85
N ASN A 183 -12.78 15.00 -8.13
CA ASN A 183 -12.84 15.06 -6.66
C ASN A 183 -11.79 14.25 -5.92
N THR A 184 -10.95 13.52 -6.67
CA THR A 184 -9.94 12.66 -6.05
C THR A 184 -8.76 13.53 -5.60
N GLU A 185 -8.93 14.19 -4.45
CA GLU A 185 -7.94 15.13 -3.94
C GLU A 185 -6.86 14.40 -3.17
N ASN A 186 -7.20 13.22 -2.66
CA ASN A 186 -6.27 12.45 -1.85
C ASN A 186 -5.94 11.15 -2.55
N PHE A 187 -4.65 10.80 -2.59
CA PHE A 187 -4.23 9.57 -3.24
C PHE A 187 -2.92 9.05 -2.69
N CYS A 188 -2.71 7.75 -2.91
CA CYS A 188 -1.50 7.06 -2.49
C CYS A 188 -1.33 5.89 -3.44
N VAL A 189 -0.30 5.95 -4.29
CA VAL A 189 -0.09 4.97 -5.35
C VAL A 189 1.31 4.39 -5.22
N LYS A 190 1.42 3.07 -5.07
CA LYS A 190 2.72 2.41 -5.09
C LYS A 190 3.48 2.67 -6.39
N VAL A 191 4.75 3.03 -6.26
CA VAL A 191 5.67 3.15 -7.37
C VAL A 191 6.76 2.08 -7.13
N LEU A 192 6.58 0.91 -7.74
CA LEU A 192 7.46 -0.25 -7.49
C LEU A 192 8.94 0.01 -7.74
N ALA A 193 9.24 0.57 -8.91
CA ALA A 193 10.60 0.83 -9.39
C ALA A 193 10.71 2.29 -9.84
N PRO A 194 10.86 3.20 -8.86
CA PRO A 194 10.79 4.63 -9.15
C PRO A 194 11.99 5.22 -9.90
N TYR A 195 13.08 4.46 -10.00
CA TYR A 195 14.36 5.00 -10.50
C TYR A 195 14.53 4.98 -12.02
N HIS A 196 13.70 4.22 -12.72
CA HIS A 196 13.73 4.18 -14.18
C HIS A 196 13.38 5.56 -14.75
N PRO A 197 14.22 6.08 -15.67
CA PRO A 197 13.94 7.37 -16.31
C PRO A 197 12.49 7.55 -16.80
N ASP A 198 11.90 6.50 -17.38
CA ASP A 198 10.50 6.54 -17.84
C ASP A 198 9.52 6.80 -16.70
N VAL A 199 9.81 6.21 -15.55
CA VAL A 199 8.94 6.34 -14.36
C VAL A 199 9.09 7.74 -13.75
N ILE A 200 10.32 8.21 -13.64
CA ILE A 200 10.58 9.59 -13.22
C ILE A 200 9.84 10.58 -14.11
N GLU A 201 9.94 10.40 -15.42
CA GLU A 201 9.26 11.28 -16.35
C GLU A 201 7.73 11.25 -16.15
N LYS A 202 7.16 10.06 -15.98
CA LYS A 202 5.71 9.90 -15.78
C LYS A 202 5.24 10.63 -14.52
N LEU A 203 5.98 10.41 -13.43
CA LEU A 203 5.70 11.03 -12.14
C LEU A 203 5.83 12.54 -12.19
N GLU A 204 6.85 13.02 -12.89
CA GLU A 204 7.04 14.46 -13.08
C GLU A 204 5.84 15.05 -13.83
N ARG A 205 5.37 14.34 -14.86
CA ARG A 205 4.23 14.82 -15.64
C ARG A 205 2.91 14.77 -14.86
N LEU A 206 2.74 13.73 -14.05
CA LEU A 206 1.59 13.64 -13.14
C LEU A 206 1.60 14.79 -12.16
N GLN A 207 2.77 15.08 -11.60
CA GLN A 207 2.92 16.13 -10.59
C GLN A 207 2.58 17.51 -11.18
N LEU A 208 2.87 17.69 -12.46
CA LEU A 208 2.57 18.93 -13.16
C LEU A 208 1.07 19.20 -13.19
N ARG A 209 0.28 18.13 -13.18
CA ARG A 209 -1.18 18.21 -13.25
C ARG A 209 -1.85 18.12 -11.88
N PHE A 210 -1.35 17.23 -11.02
CA PHE A 210 -2.05 16.86 -9.77
C PHE A 210 -1.32 17.23 -8.49
N GLY A 211 -0.12 17.80 -8.65
CA GLY A 211 0.76 18.10 -7.52
C GLY A 211 1.25 16.84 -6.83
N GLY A 212 1.37 16.91 -5.51
CA GLY A 212 1.81 15.76 -4.73
C GLY A 212 3.31 15.56 -4.81
N GLY A 213 3.75 14.39 -4.40
CA GLY A 213 5.19 14.11 -4.28
C GLY A 213 5.40 12.65 -4.00
N ILE A 214 6.67 12.25 -3.91
CA ILE A 214 6.99 10.85 -3.74
C ILE A 214 7.70 10.62 -2.41
N VAL A 215 7.40 9.50 -1.75
CA VAL A 215 7.95 9.26 -0.42
C VAL A 215 8.36 7.79 -0.21
N ARG A 216 9.40 7.60 0.58
CA ARG A 216 9.84 6.27 0.96
C ARG A 216 9.27 5.97 2.35
N VAL A 217 8.53 4.87 2.46
CA VAL A 217 7.96 4.45 3.75
C VAL A 217 9.00 3.57 4.48
N PRO A 218 9.36 3.94 5.73
CA PRO A 218 10.43 3.23 6.45
C PRO A 218 10.09 1.76 6.76
N PHE A 219 8.82 1.37 6.59
CA PHE A 219 8.40 -0.02 6.79
C PHE A 219 8.71 -0.91 5.59
N SER A 220 9.05 -0.28 4.46
CA SER A 220 9.48 -1.02 3.27
C SER A 220 10.84 -1.67 3.56
N ARG A 221 10.98 -2.94 3.18
CA ARG A 221 12.26 -3.65 3.35
C ARG A 221 13.30 -3.07 2.39
N ASN A 222 14.58 -3.17 2.74
CA ASN A 222 15.68 -2.73 1.86
C ASN A 222 15.81 -3.55 0.57
N SER A 223 15.05 -4.65 0.49
CA SER A 223 15.02 -5.50 -0.70
C SER A 223 14.04 -5.00 -1.78
N THR A 224 13.35 -3.90 -1.50
CA THR A 224 12.52 -3.24 -2.51
C THR A 224 12.81 -1.74 -2.55
N HIS A 225 12.76 -1.17 -3.74
CA HIS A 225 13.02 0.26 -3.92
C HIS A 225 11.68 1.01 -3.97
N GLU A 226 10.58 0.33 -3.62
CA GLU A 226 9.22 0.89 -3.69
C GLU A 226 9.13 2.23 -2.98
N MET A 227 8.40 3.15 -3.61
CA MET A 227 8.09 4.44 -2.99
C MET A 227 6.61 4.72 -3.26
N TYR A 228 6.05 5.76 -2.65
CA TYR A 228 4.61 6.01 -2.81
C TYR A 228 4.37 7.43 -3.31
N TYR A 229 3.58 7.54 -4.38
CA TYR A 229 3.19 8.84 -4.92
C TYR A 229 1.98 9.28 -4.12
N ILE A 230 2.13 10.38 -3.37
CA ILE A 230 1.12 10.79 -2.40
C ILE A 230 0.65 12.23 -2.61
N SER A 231 -0.53 12.53 -2.10
CA SER A 231 -1.17 13.83 -2.34
C SER A 231 -0.78 14.93 -1.34
N GLY A 232 -0.33 14.52 -0.16
CA GLY A 232 -0.21 15.43 0.98
C GLY A 232 1.10 16.17 1.17
N ALA A 233 2.03 15.98 0.24
CA ALA A 233 3.32 16.69 0.28
C ALA A 233 3.80 16.96 -1.13
N ARG A 234 4.52 18.07 -1.31
CA ARG A 234 5.15 18.42 -2.58
C ARG A 234 6.65 18.30 -2.43
N ASN A 235 7.29 17.59 -3.36
CA ASN A 235 8.74 17.48 -3.37
C ASN A 235 9.31 17.26 -4.77
N ASN A 236 10.63 17.27 -4.85
CA ASN A 236 11.36 17.08 -6.09
C ASN A 236 11.51 15.58 -6.33
N ILE A 237 10.87 15.08 -7.38
CA ILE A 237 10.82 13.63 -7.66
C ILE A 237 12.22 13.01 -7.80
N THR A 238 13.03 13.58 -8.69
CA THR A 238 14.42 13.13 -8.93
C THR A 238 15.24 13.14 -7.64
N HIS A 239 15.12 14.21 -6.87
CA HIS A 239 15.80 14.32 -5.58
C HIS A 239 15.39 13.23 -4.59
N MET A 240 14.09 13.01 -4.41
CA MET A 240 13.59 12.03 -3.43
C MET A 240 14.03 10.61 -3.79
N VAL A 241 13.92 10.29 -5.08
CA VAL A 241 14.32 8.98 -5.61
C VAL A 241 15.85 8.75 -5.47
N ASN A 242 16.65 9.73 -5.86
CA ASN A 242 18.10 9.64 -5.70
C ASN A 242 18.48 9.49 -4.22
N THR A 243 17.84 10.25 -3.34
CA THR A 243 18.09 10.14 -1.89
C THR A 243 17.80 8.73 -1.37
N THR A 244 16.70 8.13 -1.82
CA THR A 244 16.38 6.75 -1.44
C THR A 244 17.38 5.76 -2.02
N SER A 245 17.80 5.96 -3.27
CA SER A 245 18.81 5.08 -3.86
C SER A 245 20.10 5.12 -3.03
N ARG A 246 20.54 6.33 -2.68
CA ARG A 246 21.77 6.50 -1.90
C ARG A 246 21.66 5.86 -0.51
N SER A 247 20.49 5.98 0.12
CA SER A 247 20.22 5.34 1.42
C SER A 247 20.29 3.82 1.32
N LEU A 248 19.62 3.24 0.33
CA LEU A 248 19.65 1.79 0.10
C LEU A 248 21.07 1.28 -0.16
N LEU A 249 21.85 2.05 -0.91
CA LEU A 249 23.25 1.71 -1.20
C LEU A 249 24.13 1.88 0.03
N ARG A 250 23.89 2.93 0.80
CA ARG A 250 24.62 3.17 2.05
C ARG A 250 24.35 2.05 3.05
N ARG A 251 23.09 1.66 3.20
CA ARG A 251 22.73 0.54 4.07
C ARG A 251 23.35 -0.77 3.62
N MET A 252 23.48 -0.96 2.30
CA MET A 252 24.13 -2.18 1.78
C MET A 252 25.61 -2.27 2.14
N THR A 253 26.33 -1.14 2.10
CA THR A 253 27.76 -1.10 2.43
C THR A 253 28.01 -1.34 3.90
N ARG A 254 27.08 -0.89 4.75
CA ARG A 254 27.18 -1.02 6.20
C ARG A 254 25.86 -1.51 6.82
N PRO A 255 25.53 -2.79 6.61
CA PRO A 255 24.24 -3.30 7.14
C PRO A 255 24.25 -3.54 8.66
N SER A 256 23.34 -2.87 9.38
CA SER A 256 23.21 -3.09 10.83
C SER A 256 22.64 -4.47 11.17
N GLY A 257 21.81 -5.01 10.27
CA GLY A 257 21.09 -6.26 10.51
C GLY A 257 19.98 -6.14 11.56
N LYS A 258 19.69 -4.91 11.98
CA LYS A 258 18.72 -4.68 13.06
C LYS A 258 17.61 -3.73 12.62
N ALA A 259 16.37 -4.20 12.73
CA ALA A 259 15.21 -3.37 12.47
C ALA A 259 14.72 -2.69 13.75
N ILE A 260 14.02 -1.57 13.60
CA ILE A 260 13.35 -0.91 14.70
C ILE A 260 11.95 -1.52 14.78
N ILE A 261 11.65 -2.17 15.91
CA ILE A 261 10.35 -2.80 16.08
C ILE A 261 9.32 -1.83 16.65
N GLU A 262 8.15 -1.77 16.02
CA GLU A 262 7.04 -0.94 16.48
C GLU A 262 5.79 -1.78 16.68
N GLY A 263 4.84 -1.27 17.47
CA GLY A 263 3.59 -1.97 17.69
C GLY A 263 2.78 -2.12 16.42
N ASP A 264 2.11 -3.27 16.29
CA ASP A 264 1.29 -3.58 15.12
C ASP A 264 0.06 -2.67 15.04
N VAL A 265 -0.60 -2.66 13.88
CA VAL A 265 -1.82 -1.89 13.67
C VAL A 265 -2.98 -2.62 14.33
N PHE A 266 -3.24 -2.28 15.59
CA PHE A 266 -4.41 -2.79 16.29
C PHE A 266 -5.51 -1.75 16.22
N LEU A 267 -6.71 -2.23 15.93
CA LEU A 267 -7.87 -1.37 15.80
C LEU A 267 -8.96 -1.79 16.78
N PRO A 268 -9.84 -0.83 17.18
CA PRO A 268 -11.05 -1.23 17.87
C PRO A 268 -11.94 -2.00 16.91
N THR A 269 -12.90 -2.74 17.44
CA THR A 269 -13.87 -3.40 16.59
C THR A 269 -15.20 -2.65 16.62
N GLY A 270 -16.07 -2.99 15.68
CA GLY A 270 -17.44 -2.50 15.70
C GLY A 270 -17.93 -1.94 14.39
N THR A 271 -19.22 -1.63 14.36
CA THR A 271 -19.84 -0.97 13.23
C THR A 271 -19.70 0.55 13.40
N ARG A 272 -19.87 1.29 12.30
CA ARG A 272 -19.85 2.74 12.35
C ARG A 272 -21.14 3.28 11.74
N SER A 273 -21.71 4.30 12.36
CA SER A 273 -22.89 4.97 11.81
C SER A 273 -22.50 6.25 11.06
N VAL A 274 -21.21 6.38 10.72
CA VAL A 274 -20.65 7.64 10.24
C VAL A 274 -19.84 7.44 8.97
N ALA A 278 -26.00 7.50 6.58
CA ALA A 278 -27.35 8.05 6.69
C ALA A 278 -28.35 6.98 7.15
N GLY A 279 -28.33 5.82 6.47
CA GLY A 279 -29.19 4.70 6.81
C GLY A 279 -28.72 3.99 8.08
N THR A 280 -29.68 3.50 8.88
CA THR A 280 -29.38 2.60 10.00
C THR A 280 -28.71 1.33 9.46
N ILE A 281 -28.02 0.60 10.34
CA ILE A 281 -27.25 -0.58 9.93
C ILE A 281 -28.14 -1.72 9.42
N ASP A 282 -27.92 -2.10 8.17
CA ASP A 282 -28.67 -3.17 7.52
C ASP A 282 -27.99 -4.52 7.82
N HIS A 283 -28.22 -5.04 9.03
CA HIS A 283 -27.57 -6.28 9.45
C HIS A 283 -27.88 -7.50 8.58
N GLU A 284 -29.07 -7.51 7.96
CA GLU A 284 -29.44 -8.58 7.02
C GLU A 284 -28.55 -8.59 5.78
N ALA A 285 -28.33 -7.41 5.19
CA ALA A 285 -27.43 -7.29 4.03
C ALA A 285 -25.99 -7.54 4.43
N LEU A 286 -25.63 -7.11 5.64
CA LEU A 286 -24.29 -7.31 6.19
C LEU A 286 -23.94 -8.79 6.30
N LYS A 287 -24.86 -9.58 6.85
CA LYS A 287 -24.67 -11.03 6.96
C LYS A 287 -24.34 -11.65 5.60
N LEU A 288 -25.13 -11.28 4.58
CA LEU A 288 -24.96 -11.82 3.22
C LEU A 288 -23.63 -11.44 2.61
N ARG A 289 -23.19 -10.21 2.87
CA ARG A 289 -21.90 -9.71 2.45
C ARG A 289 -20.77 -10.51 3.09
N VAL A 290 -20.88 -10.74 4.39
CA VAL A 290 -19.93 -11.55 5.16
C VAL A 290 -19.95 -13.02 4.71
N ASP A 291 -21.16 -13.54 4.45
CA ASP A 291 -21.34 -14.90 3.92
C ASP A 291 -20.55 -15.12 2.64
N GLN A 292 -20.62 -14.16 1.73
CA GLN A 292 -19.94 -14.25 0.44
C GLN A 292 -18.42 -14.13 0.56
N ILE A 293 -17.94 -13.38 1.55
CA ILE A 293 -16.49 -13.22 1.79
C ILE A 293 -15.89 -14.49 2.41
N SFG B . -2.49 -3.10 0.52
CA SFG B . -2.76 -4.55 0.63
C SFG B . -2.78 -4.94 2.12
O SFG B . -2.45 -4.05 2.93
OXT SFG B . -3.14 -6.10 2.41
CB SFG B . -1.69 -5.33 -0.15
CG SFG B . -1.89 -5.16 -1.67
CD SFG B . -0.93 -5.98 -2.52
NE SFG B . 0.45 -5.47 -2.32
C5' SFG B . -1.26 -5.80 -4.02
C4' SFG B . -2.47 -6.63 -4.49
O4' SFG B . -2.86 -6.21 -5.82
C3' SFG B . -2.17 -8.13 -4.62
O3' SFG B . -3.02 -8.84 -3.71
C2' SFG B . -2.54 -8.49 -6.05
O2' SFG B . -3.28 -9.71 -6.10
C1' SFG B . -3.48 -7.34 -6.42
N9 SFG B . -3.47 -7.00 -7.86
C8 SFG B . -2.42 -6.96 -8.68
N7 SFG B . -2.81 -6.57 -9.90
C5 SFG B . -4.12 -6.36 -9.85
C6 SFG B . -5.07 -5.95 -10.78
N6 SFG B . -4.73 -5.69 -12.04
N1 SFG B . -6.35 -5.83 -10.39
C2 SFG B . -6.71 -6.10 -9.14
N3 SFG B . -5.82 -6.49 -8.23
C4 SFG B . -4.54 -6.62 -8.55
S SO4 C . 1.38 -10.98 7.48
O1 SO4 C . 2.19 -10.52 8.60
O2 SO4 C . -0.02 -11.11 7.89
O3 SO4 C . 1.49 -10.02 6.38
O4 SO4 C . 1.83 -12.29 7.04
#